data_4TMK
#
_entry.id   4TMK
#
_cell.length_a   151.700
_cell.length_b   151.700
_cell.length_c   74.480
_cell.angle_alpha   90.00
_cell.angle_beta   90.00
_cell.angle_gamma   120.00
#
_symmetry.space_group_name_H-M   'H 3 2'
#
loop_
_entity.id
_entity.type
_entity.pdbx_description
1 polymer 'PROTEIN (THYMIDYLATE KINASE)'
2 non-polymer "P1-(5'-ADENOSYL)P5-(5'-THYMIDYL)PENTAPHOSPHATE"
3 water water
#
_entity_poly.entity_id   1
_entity_poly.type   'polypeptide(L)'
_entity_poly.pdbx_seq_one_letter_code
;MRSKYIVIEGLEGAGKTTARNVVVETLEQLGIRDMVFTREPGGTQLAEKLRSLLLDIKSVGDEVITDKAEVLMFYAARVQ
LVETVIKPALANGTWVIGDRHDLSTQAYQGGGRGIDQHMLATLRDAVLGDFRPDLTLYLDVTPEVGLKRARARGELDRIE
QESFDFFNRTRARYLELAAQDKSIHTIDATQPLEAVMDAIRTTVTHWVKELDA
;
_entity_poly.pdbx_strand_id   A
#
# COMPACT_ATOMS: atom_id res chain seq x y z
N ARG A 2 3.90 -23.01 -0.67
CA ARG A 2 4.75 -21.98 -0.03
C ARG A 2 4.19 -20.59 -0.38
N SER A 3 2.98 -20.29 0.09
CA SER A 3 2.29 -19.02 -0.19
C SER A 3 2.99 -17.79 0.33
N LYS A 4 2.89 -16.69 -0.44
CA LYS A 4 3.52 -15.44 -0.08
C LYS A 4 2.52 -14.29 -0.19
N TYR A 5 2.82 -13.22 0.53
CA TYR A 5 2.03 -12.01 0.56
C TYR A 5 2.89 -10.93 -0.08
N ILE A 6 2.44 -10.44 -1.23
CA ILE A 6 3.14 -9.40 -1.96
C ILE A 6 2.29 -8.16 -1.89
N VAL A 7 2.91 -7.02 -1.61
CA VAL A 7 2.18 -5.77 -1.49
C VAL A 7 2.78 -4.72 -2.42
N ILE A 8 1.92 -3.92 -3.06
CA ILE A 8 2.41 -2.87 -3.94
C ILE A 8 2.07 -1.56 -3.26
N GLU A 9 3.01 -0.62 -3.26
CA GLU A 9 2.85 0.66 -2.60
C GLU A 9 3.19 1.81 -3.49
N GLY A 10 2.78 3.00 -3.09
CA GLY A 10 3.06 4.19 -3.86
C GLY A 10 1.99 5.24 -3.68
N LEU A 11 2.24 6.45 -4.16
CA LEU A 11 1.25 7.50 -4.04
C LEU A 11 0.09 7.16 -4.97
N GLU A 12 -1.04 7.85 -4.81
CA GLU A 12 -2.17 7.65 -5.72
C GLU A 12 -1.60 8.20 -7.04
N GLY A 13 -1.89 7.53 -8.15
CA GLY A 13 -1.35 8.00 -9.41
C GLY A 13 -0.05 7.29 -9.77
N ALA A 14 0.46 6.41 -8.90
CA ALA A 14 1.69 5.67 -9.17
C ALA A 14 1.46 4.50 -10.12
N GLY A 15 0.20 4.15 -10.34
CA GLY A 15 -0.10 3.07 -11.26
C GLY A 15 0.05 1.69 -10.69
N LYS A 16 -0.42 1.49 -9.46
CA LYS A 16 -0.28 0.18 -8.85
C LYS A 16 -1.10 -0.92 -9.46
N THR A 17 -2.17 -0.63 -10.19
CA THR A 17 -2.94 -1.72 -10.78
C THR A 17 -2.23 -2.26 -12.01
N THR A 18 -1.64 -1.36 -12.77
CA THR A 18 -0.92 -1.77 -13.96
C THR A 18 0.28 -2.58 -13.46
N ALA A 19 0.86 -2.17 -12.33
CA ALA A 19 1.99 -2.89 -11.75
C ALA A 19 1.56 -4.30 -11.36
N ARG A 20 0.37 -4.42 -10.75
CA ARG A 20 -0.11 -5.73 -10.35
C ARG A 20 -0.35 -6.65 -11.54
N ASN A 21 -0.74 -6.08 -12.67
CA ASN A 21 -0.96 -6.86 -13.89
C ASN A 21 0.40 -7.50 -14.27
N VAL A 22 1.47 -6.71 -14.22
CA VAL A 22 2.81 -7.21 -14.54
C VAL A 22 3.19 -8.30 -13.54
N VAL A 23 2.93 -8.03 -12.25
CA VAL A 23 3.26 -9.00 -11.20
C VAL A 23 2.56 -10.34 -11.44
N VAL A 24 1.31 -10.26 -11.84
CA VAL A 24 0.50 -11.44 -12.09
C VAL A 24 1.00 -12.22 -13.29
N GLU A 25 1.32 -11.50 -14.35
CA GLU A 25 1.81 -12.12 -15.56
C GLU A 25 3.11 -12.81 -15.20
N THR A 26 4.01 -12.08 -14.54
CA THR A 26 5.28 -12.67 -14.13
C THR A 26 5.09 -13.94 -13.32
N LEU A 27 4.31 -13.86 -12.25
CA LEU A 27 4.08 -15.02 -11.41
C LEU A 27 3.49 -16.19 -12.18
N GLU A 28 2.59 -15.87 -13.11
CA GLU A 28 1.94 -16.93 -13.87
C GLU A 28 2.94 -17.61 -14.77
N GLN A 29 3.78 -16.81 -15.40
CA GLN A 29 4.81 -17.35 -16.27
C GLN A 29 5.76 -18.23 -15.47
N LEU A 30 5.82 -18.01 -14.15
CA LEU A 30 6.69 -18.78 -13.28
C LEU A 30 5.95 -19.92 -12.61
N GLY A 31 4.74 -20.20 -13.10
CA GLY A 31 3.96 -21.30 -12.55
C GLY A 31 3.24 -21.05 -11.25
N ILE A 32 3.13 -19.79 -10.83
CA ILE A 32 2.42 -19.44 -9.59
C ILE A 32 1.05 -18.92 -10.05
N ARG A 33 -0.01 -19.67 -9.79
CA ARG A 33 -1.33 -19.23 -10.24
C ARG A 33 -2.43 -19.08 -9.22
N ASP A 34 -2.29 -19.69 -8.05
CA ASP A 34 -3.31 -19.57 -7.03
C ASP A 34 -3.06 -18.33 -6.15
N MET A 35 -3.86 -17.28 -6.36
CA MET A 35 -3.70 -16.03 -5.62
C MET A 35 -5.01 -15.26 -5.54
N VAL A 36 -5.11 -14.37 -4.56
CA VAL A 36 -6.29 -13.53 -4.40
C VAL A 36 -5.78 -12.12 -4.19
N PHE A 37 -6.61 -11.12 -4.49
CA PHE A 37 -6.19 -9.74 -4.34
C PHE A 37 -6.85 -9.06 -3.13
N THR A 38 -6.17 -8.06 -2.57
CA THR A 38 -6.76 -7.31 -1.48
C THR A 38 -6.34 -5.89 -1.72
N ARG A 39 -7.17 -4.97 -1.22
CA ARG A 39 -6.92 -3.53 -1.35
C ARG A 39 -7.22 -2.92 0.01
N GLU A 40 -6.42 -1.94 0.41
CA GLU A 40 -6.60 -1.26 1.67
C GLU A 40 -6.64 0.22 1.40
N PRO A 41 -7.53 0.95 2.09
CA PRO A 41 -8.45 0.39 3.08
C PRO A 41 -9.60 -0.26 2.36
N GLY A 42 -10.08 -1.39 2.89
CA GLY A 42 -11.22 -2.07 2.26
C GLY A 42 -11.11 -3.58 2.31
N GLY A 43 -11.94 -4.27 1.56
CA GLY A 43 -11.81 -5.72 1.52
C GLY A 43 -12.67 -6.59 2.40
N THR A 44 -13.52 -5.98 3.25
CA THR A 44 -14.45 -6.73 4.10
C THR A 44 -15.56 -5.70 4.35
N GLN A 45 -16.74 -6.14 4.80
CA GLN A 45 -17.83 -5.18 5.04
C GLN A 45 -17.37 -4.08 5.98
N LEU A 46 -16.76 -4.47 7.09
CA LEU A 46 -16.29 -3.49 8.05
C LEU A 46 -15.25 -2.55 7.46
N ALA A 47 -14.23 -3.12 6.80
CA ALA A 47 -13.14 -2.32 6.19
C ALA A 47 -13.70 -1.33 5.15
N GLU A 48 -14.71 -1.76 4.40
CA GLU A 48 -15.36 -0.89 3.42
C GLU A 48 -16.09 0.27 4.12
N LYS A 49 -16.73 0.00 5.26
CA LYS A 49 -17.38 1.09 5.99
C LYS A 49 -16.31 2.05 6.52
N LEU A 50 -15.21 1.49 7.01
CA LEU A 50 -14.13 2.33 7.52
C LEU A 50 -13.51 3.14 6.38
N ARG A 51 -13.34 2.47 5.26
N ARG A 51 -13.33 2.49 5.24
CA ARG A 51 -12.80 3.10 4.07
CA ARG A 51 -12.77 3.18 4.08
C ARG A 51 -13.60 4.37 3.76
C ARG A 51 -13.61 4.42 3.81
N SER A 52 -14.92 4.26 3.79
CA SER A 52 -15.78 5.39 3.49
C SER A 52 -15.63 6.55 4.46
N LEU A 53 -15.55 6.24 5.75
CA LEU A 53 -15.38 7.29 6.77
C LEU A 53 -14.05 8.00 6.59
N LEU A 54 -13.05 7.22 6.21
CA LEU A 54 -11.70 7.72 6.00
C LEU A 54 -11.48 8.58 4.76
N LEU A 55 -12.11 8.18 3.66
CA LEU A 55 -11.90 8.88 2.39
C LEU A 55 -12.98 9.78 1.86
N ASP A 56 -14.24 9.50 2.17
CA ASP A 56 -15.31 10.34 1.64
C ASP A 56 -15.21 11.76 2.13
N ILE A 57 -15.42 12.70 1.22
CA ILE A 57 -15.36 14.12 1.57
C ILE A 57 -16.52 14.39 2.52
N LYS A 58 -16.23 15.04 3.63
CA LYS A 58 -17.27 15.31 4.61
C LYS A 58 -18.06 14.03 4.96
N SER A 59 -17.34 12.95 5.27
CA SER A 59 -17.98 11.68 5.65
C SER A 59 -18.67 11.89 7.00
N VAL A 60 -18.13 12.83 7.79
CA VAL A 60 -18.69 13.15 9.10
C VAL A 60 -19.00 14.64 9.19
N GLY A 61 -19.51 15.17 8.08
CA GLY A 61 -19.90 16.57 8.02
C GLY A 61 -18.78 17.57 8.08
N ASP A 62 -18.89 18.55 8.96
CA ASP A 62 -17.86 19.56 9.09
C ASP A 62 -16.78 19.19 10.11
N GLU A 63 -16.98 18.10 10.85
CA GLU A 63 -15.99 17.68 11.83
C GLU A 63 -14.72 17.20 11.12
N VAL A 64 -13.54 17.57 11.64
CA VAL A 64 -12.28 17.10 11.02
C VAL A 64 -11.78 15.85 11.76
N ILE A 65 -11.52 14.78 11.02
CA ILE A 65 -11.02 13.54 11.60
C ILE A 65 -9.61 13.82 12.14
N THR A 66 -9.35 13.48 13.39
CA THR A 66 -8.05 13.72 14.00
C THR A 66 -7.01 12.78 13.40
N ASP A 67 -5.76 13.21 13.35
CA ASP A 67 -4.73 12.34 12.78
C ASP A 67 -4.70 10.98 13.47
N LYS A 68 -4.82 10.96 14.80
CA LYS A 68 -4.80 9.69 15.49
C LYS A 68 -6.04 8.84 15.22
N ALA A 69 -7.20 9.47 15.07
CA ALA A 69 -8.40 8.69 14.77
C ALA A 69 -8.18 8.09 13.37
N GLU A 70 -7.57 8.88 12.50
CA GLU A 70 -7.31 8.42 11.14
C GLU A 70 -6.44 7.19 11.18
N VAL A 71 -5.34 7.27 11.91
CA VAL A 71 -4.44 6.15 12.05
C VAL A 71 -5.11 4.92 12.59
N LEU A 72 -5.90 5.08 13.66
CA LEU A 72 -6.58 3.94 14.26
C LEU A 72 -7.63 3.29 13.36
N MET A 73 -8.32 4.07 12.52
CA MET A 73 -9.30 3.46 11.62
C MET A 73 -8.61 2.68 10.50
N PHE A 74 -7.46 3.18 10.01
CA PHE A 74 -6.71 2.45 9.00
C PHE A 74 -6.29 1.12 9.63
N TYR A 75 -5.87 1.15 10.89
CA TYR A 75 -5.48 -0.09 11.56
C TYR A 75 -6.66 -1.04 11.83
N ALA A 76 -7.83 -0.49 12.14
CA ALA A 76 -8.99 -1.36 12.38
C ALA A 76 -9.33 -2.11 11.08
N ALA A 77 -9.32 -1.38 9.96
CA ALA A 77 -9.61 -1.96 8.64
C ALA A 77 -8.55 -3.01 8.28
N ARG A 78 -7.28 -2.67 8.52
CA ARG A 78 -6.17 -3.57 8.24
C ARG A 78 -6.25 -4.86 9.02
N VAL A 79 -6.37 -4.76 10.34
CA VAL A 79 -6.41 -6.01 11.10
C VAL A 79 -7.66 -6.83 10.76
N GLN A 80 -8.77 -6.18 10.47
CA GLN A 80 -9.98 -6.94 10.10
C GLN A 80 -9.65 -7.76 8.85
N LEU A 81 -9.07 -7.09 7.86
CA LEU A 81 -8.70 -7.73 6.60
C LEU A 81 -7.65 -8.83 6.79
N VAL A 82 -6.59 -8.50 7.53
CA VAL A 82 -5.49 -9.46 7.77
C VAL A 82 -5.98 -10.74 8.43
N GLU A 83 -6.72 -10.59 9.51
CA GLU A 83 -7.20 -11.74 10.26
C GLU A 83 -8.28 -12.56 9.62
N THR A 84 -9.19 -11.91 8.90
CA THR A 84 -10.27 -12.66 8.29
C THR A 84 -10.09 -13.00 6.80
N VAL A 85 -9.21 -12.30 6.09
CA VAL A 85 -9.03 -12.61 4.68
C VAL A 85 -7.60 -13.09 4.32
N ILE A 86 -6.61 -12.21 4.53
CA ILE A 86 -5.22 -12.53 4.19
C ILE A 86 -4.63 -13.78 4.83
N LYS A 87 -4.58 -13.84 6.16
CA LYS A 87 -4.00 -14.99 6.82
C LYS A 87 -4.65 -16.29 6.39
N PRO A 88 -5.99 -16.37 6.47
CA PRO A 88 -6.63 -17.63 6.05
C PRO A 88 -6.22 -18.03 4.61
N ALA A 89 -6.14 -17.06 3.69
CA ALA A 89 -5.74 -17.34 2.30
C ALA A 89 -4.34 -17.92 2.30
N LEU A 90 -3.42 -17.25 2.99
CA LEU A 90 -2.05 -17.73 3.07
C LEU A 90 -2.02 -19.11 3.70
N ALA A 91 -2.75 -19.30 4.79
CA ALA A 91 -2.79 -20.59 5.46
C ALA A 91 -3.34 -21.65 4.55
N ASN A 92 -4.02 -21.23 3.52
CA ASN A 92 -4.60 -22.17 2.59
C ASN A 92 -3.72 -22.45 1.38
N GLY A 93 -2.59 -21.77 1.30
CA GLY A 93 -1.70 -21.98 0.17
C GLY A 93 -1.93 -21.02 -0.98
N THR A 94 -2.87 -20.12 -0.80
CA THR A 94 -3.17 -19.14 -1.84
C THR A 94 -2.28 -17.94 -1.62
N TRP A 95 -1.60 -17.47 -2.67
CA TRP A 95 -0.77 -16.27 -2.52
C TRP A 95 -1.74 -15.10 -2.43
N VAL A 96 -1.28 -13.98 -1.88
CA VAL A 96 -2.11 -12.81 -1.75
C VAL A 96 -1.35 -11.59 -2.26
N ILE A 97 -1.96 -10.83 -3.16
CA ILE A 97 -1.32 -9.63 -3.69
C ILE A 97 -2.14 -8.45 -3.18
N GLY A 98 -1.52 -7.62 -2.35
CA GLY A 98 -2.23 -6.50 -1.79
C GLY A 98 -1.90 -5.16 -2.42
N ASP A 99 -2.92 -4.33 -2.56
CA ASP A 99 -2.72 -2.99 -3.08
C ASP A 99 -2.75 -2.15 -1.79
N ARG A 100 -1.57 -1.86 -1.28
CA ARG A 100 -1.38 -1.12 -0.04
C ARG A 100 -1.47 -2.03 1.16
N HIS A 101 -0.72 -1.68 2.21
CA HIS A 101 -0.75 -2.39 3.46
C HIS A 101 -0.15 -1.46 4.49
N ASP A 102 0.53 -1.97 5.52
CA ASP A 102 1.07 -1.09 6.58
C ASP A 102 2.03 0.01 6.15
N LEU A 103 2.80 -0.21 5.10
CA LEU A 103 3.74 0.82 4.68
C LEU A 103 3.01 2.11 4.36
N SER A 104 1.76 1.99 3.89
CA SER A 104 0.95 3.16 3.56
C SER A 104 0.75 3.98 4.84
N THR A 105 0.45 3.30 5.94
CA THR A 105 0.25 4.03 7.21
C THR A 105 1.55 4.73 7.65
N GLN A 106 2.67 4.01 7.57
CA GLN A 106 3.95 4.58 7.96
C GLN A 106 4.29 5.79 7.10
N ALA A 107 4.02 5.71 5.81
CA ALA A 107 4.35 6.84 4.93
C ALA A 107 3.37 7.99 5.02
N TYR A 108 2.06 7.71 4.94
CA TYR A 108 1.07 8.78 5.00
C TYR A 108 0.83 9.37 6.39
N GLN A 109 0.59 8.52 7.38
CA GLN A 109 0.35 9.06 8.71
C GLN A 109 1.68 9.43 9.37
N GLY A 110 2.71 8.67 9.06
CA GLY A 110 4.02 8.97 9.60
C GLY A 110 4.60 10.18 8.88
N GLY A 111 4.87 10.03 7.58
CA GLY A 111 5.42 11.15 6.84
C GLY A 111 4.50 12.32 6.56
N GLY A 112 3.34 12.05 5.97
CA GLY A 112 2.44 13.15 5.66
C GLY A 112 1.81 13.82 6.87
N ARG A 113 1.25 13.04 7.79
CA ARG A 113 0.60 13.62 8.98
C ARG A 113 1.59 14.02 10.06
N GLY A 114 2.71 13.31 10.13
CA GLY A 114 3.71 13.64 11.12
C GLY A 114 3.59 12.86 12.41
N ILE A 115 2.87 11.74 12.41
CA ILE A 115 2.75 10.94 13.61
C ILE A 115 4.11 10.32 13.88
N ASP A 116 4.51 10.30 15.14
CA ASP A 116 5.81 9.75 15.54
C ASP A 116 6.03 8.33 15.06
N GLN A 117 7.16 8.09 14.40
CA GLN A 117 7.50 6.75 13.90
C GLN A 117 7.53 5.69 14.97
N HIS A 118 8.00 6.06 16.15
CA HIS A 118 8.06 5.13 17.28
C HIS A 118 6.65 4.67 17.60
N MET A 119 5.74 5.63 17.69
CA MET A 119 4.35 5.34 17.99
C MET A 119 3.75 4.41 16.93
N LEU A 120 4.01 4.72 15.67
CA LEU A 120 3.48 3.90 14.57
C LEU A 120 4.00 2.48 14.67
N ALA A 121 5.26 2.36 15.06
CA ALA A 121 5.90 1.06 15.19
C ALA A 121 5.26 0.25 16.29
N THR A 122 5.04 0.89 17.43
CA THR A 122 4.44 0.13 18.51
C THR A 122 3.01 -0.28 18.14
N LEU A 123 2.28 0.59 17.43
CA LEU A 123 0.92 0.26 17.02
C LEU A 123 0.97 -0.95 16.10
N ARG A 124 1.87 -0.90 15.10
CA ARG A 124 1.95 -2.02 14.17
C ARG A 124 2.19 -3.31 14.93
N ASP A 125 3.12 -3.27 15.87
CA ASP A 125 3.44 -4.48 16.60
C ASP A 125 2.29 -4.95 17.48
N ALA A 126 1.63 -4.00 18.11
CA ALA A 126 0.50 -4.30 18.99
C ALA A 126 -0.66 -4.89 18.22
N VAL A 127 -0.90 -4.35 17.03
CA VAL A 127 -2.00 -4.77 16.19
C VAL A 127 -1.74 -5.99 15.31
N LEU A 128 -0.59 -6.01 14.63
CA LEU A 128 -0.26 -7.09 13.70
C LEU A 128 0.83 -8.06 14.15
N GLY A 129 1.52 -7.70 15.21
CA GLY A 129 2.57 -8.57 15.69
C GLY A 129 3.69 -8.56 14.67
N ASP A 130 4.16 -9.76 14.35
CA ASP A 130 5.24 -9.91 13.41
C ASP A 130 4.80 -10.19 11.98
N PHE A 131 3.49 -10.17 11.71
CA PHE A 131 3.00 -10.42 10.35
C PHE A 131 3.52 -9.31 9.43
N ARG A 132 4.13 -9.71 8.32
CA ARG A 132 4.62 -8.72 7.36
C ARG A 132 4.52 -9.30 5.95
N PRO A 133 4.48 -8.43 4.92
CA PRO A 133 4.42 -8.92 3.54
C PRO A 133 5.80 -9.51 3.24
N ASP A 134 5.85 -10.56 2.43
CA ASP A 134 7.11 -11.18 2.07
C ASP A 134 7.86 -10.38 1.02
N LEU A 135 7.15 -9.56 0.26
CA LEU A 135 7.79 -8.72 -0.74
C LEU A 135 6.94 -7.49 -0.87
N THR A 136 7.58 -6.35 -0.96
CA THR A 136 6.84 -5.12 -1.15
C THR A 136 7.49 -4.40 -2.32
N LEU A 137 6.65 -3.90 -3.21
CA LEU A 137 7.10 -3.15 -4.37
C LEU A 137 6.61 -1.71 -4.21
N TYR A 138 7.52 -0.83 -3.84
CA TYR A 138 7.15 0.56 -3.69
C TYR A 138 7.40 1.27 -5.03
N LEU A 139 6.31 1.72 -5.66
CA LEU A 139 6.42 2.41 -6.94
C LEU A 139 6.61 3.90 -6.72
N ASP A 140 7.84 4.39 -6.93
CA ASP A 140 8.15 5.80 -6.72
C ASP A 140 7.75 6.72 -7.89
N VAL A 141 6.92 7.72 -7.57
CA VAL A 141 6.45 8.64 -8.57
C VAL A 141 6.49 10.03 -7.92
N THR A 142 6.69 11.08 -8.70
CA THR A 142 6.71 12.40 -8.10
C THR A 142 5.30 12.80 -7.68
N PRO A 143 5.20 13.62 -6.63
CA PRO A 143 3.89 14.07 -6.13
C PRO A 143 3.02 14.77 -7.19
N GLU A 144 3.67 15.59 -8.01
CA GLU A 144 2.96 16.33 -9.05
C GLU A 144 2.35 15.41 -10.09
N VAL A 145 3.07 14.35 -10.48
CA VAL A 145 2.56 13.42 -11.46
C VAL A 145 1.47 12.55 -10.85
N GLY A 146 1.64 12.14 -9.59
CA GLY A 146 0.61 11.34 -8.96
C GLY A 146 -0.70 12.11 -8.86
N LEU A 147 -0.62 13.36 -8.41
CA LEU A 147 -1.80 14.22 -8.28
C LEU A 147 -2.45 14.51 -9.63
N LYS A 148 -1.64 14.81 -10.64
CA LYS A 148 -2.18 15.07 -11.98
C LYS A 148 -3.04 13.89 -12.42
N ARG A 149 -2.54 12.68 -12.22
CA ARG A 149 -3.26 11.48 -12.61
C ARG A 149 -4.54 11.27 -11.77
N ALA A 150 -4.46 11.54 -10.47
CA ALA A 150 -5.62 11.39 -9.60
C ALA A 150 -6.73 12.34 -10.07
N ARG A 151 -6.37 13.58 -10.37
CA ARG A 151 -7.35 14.56 -10.82
C ARG A 151 -7.94 14.21 -12.18
N ALA A 152 -7.12 13.65 -13.07
CA ALA A 152 -7.60 13.29 -14.39
C ALA A 152 -8.61 12.17 -14.23
N ARG A 153 -8.45 11.37 -13.17
CA ARG A 153 -9.34 10.24 -12.92
C ARG A 153 -10.73 10.62 -12.42
N GLY A 154 -10.81 11.67 -11.61
CA GLY A 154 -12.07 12.11 -11.06
C GLY A 154 -11.94 12.90 -9.76
N GLU A 155 -12.99 12.86 -8.94
CA GLU A 155 -13.01 13.59 -7.67
C GLU A 155 -11.92 13.03 -6.75
N LEU A 156 -11.28 13.91 -5.98
CA LEU A 156 -10.21 13.47 -5.08
C LEU A 156 -10.78 13.10 -3.71
N ASP A 157 -10.30 12.00 -3.13
CA ASP A 157 -10.78 11.62 -1.80
C ASP A 157 -10.23 12.62 -0.79
N ARG A 158 -10.61 12.46 0.48
CA ARG A 158 -10.21 13.40 1.52
C ARG A 158 -8.69 13.56 1.63
N ILE A 159 -7.97 12.45 1.56
CA ILE A 159 -6.53 12.52 1.68
C ILE A 159 -5.86 13.07 0.43
N GLU A 160 -6.34 12.70 -0.75
CA GLU A 160 -5.73 13.20 -1.99
C GLU A 160 -5.90 14.71 -2.18
N GLN A 161 -6.76 15.32 -1.37
CA GLN A 161 -6.96 16.76 -1.45
C GLN A 161 -5.87 17.49 -0.65
N GLU A 162 -4.90 16.74 -0.12
CA GLU A 162 -3.83 17.33 0.68
C GLU A 162 -2.88 18.23 -0.10
N SER A 163 -1.97 18.91 0.59
CA SER A 163 -1.02 19.79 -0.08
C SER A 163 0.13 19.05 -0.76
N PHE A 164 0.90 19.78 -1.56
CA PHE A 164 2.04 19.17 -2.24
C PHE A 164 3.04 18.74 -1.17
N ASP A 165 3.21 19.60 -0.16
CA ASP A 165 4.13 19.28 0.92
C ASP A 165 3.74 18.00 1.63
N PHE A 166 2.43 17.72 1.71
CA PHE A 166 1.95 16.50 2.35
C PHE A 166 2.40 15.28 1.55
N PHE A 167 2.26 15.35 0.22
CA PHE A 167 2.65 14.23 -0.63
C PHE A 167 4.17 14.10 -0.71
N ASN A 168 4.84 15.25 -0.70
CA ASN A 168 6.30 15.33 -0.74
C ASN A 168 6.84 14.58 0.49
N ARG A 169 6.32 14.92 1.68
CA ARG A 169 6.74 14.25 2.93
C ARG A 169 6.41 12.77 2.90
N THR A 170 5.25 12.43 2.35
CA THR A 170 4.82 11.03 2.27
C THR A 170 5.74 10.22 1.38
N ARG A 171 6.09 10.78 0.22
CA ARG A 171 6.99 10.11 -0.72
C ARG A 171 8.35 9.82 -0.06
N ALA A 172 8.93 10.86 0.53
CA ALA A 172 10.23 10.77 1.21
C ALA A 172 10.22 9.67 2.26
N ARG A 173 9.19 9.62 3.10
CA ARG A 173 9.12 8.57 4.11
C ARG A 173 9.00 7.17 3.47
N TYR A 174 8.33 7.09 2.33
CA TYR A 174 8.21 5.79 1.66
C TYR A 174 9.64 5.33 1.34
N LEU A 175 10.43 6.21 0.72
CA LEU A 175 11.81 5.88 0.36
C LEU A 175 12.65 5.57 1.59
N GLU A 176 12.53 6.42 2.59
CA GLU A 176 13.27 6.23 3.82
C GLU A 176 12.99 4.86 4.44
N LEU A 177 11.73 4.46 4.51
CA LEU A 177 11.41 3.17 5.08
C LEU A 177 11.84 2.03 4.20
N ALA A 178 11.82 2.25 2.90
CA ALA A 178 12.21 1.22 1.95
C ALA A 178 13.71 0.98 2.09
N ALA A 179 14.46 2.04 2.33
CA ALA A 179 15.92 1.96 2.47
C ALA A 179 16.37 1.12 3.66
N GLN A 180 15.50 0.92 4.63
N GLN A 180 15.48 0.96 4.64
CA GLN A 180 15.85 0.14 5.82
CA GLN A 180 15.73 0.20 5.86
C GLN A 180 15.37 -1.31 5.76
C GLN A 180 15.30 -1.26 5.80
N ASP A 181 14.60 -1.66 4.74
CA ASP A 181 14.11 -3.03 4.62
C ASP A 181 14.46 -3.58 3.26
N LYS A 182 15.24 -4.66 3.23
CA LYS A 182 15.63 -5.22 1.95
C LYS A 182 14.50 -5.94 1.19
N SER A 183 13.38 -6.23 1.87
CA SER A 183 12.26 -6.92 1.23
C SER A 183 11.28 -5.91 0.62
N ILE A 184 11.61 -4.64 0.77
CA ILE A 184 10.79 -3.60 0.21
C ILE A 184 11.64 -2.98 -0.90
N HIS A 185 11.27 -3.23 -2.16
CA HIS A 185 12.05 -2.70 -3.27
C HIS A 185 11.57 -1.38 -3.81
N THR A 186 12.49 -0.44 -4.02
CA THR A 186 12.11 0.85 -4.54
C THR A 186 12.18 0.85 -6.06
N ILE A 187 11.02 0.84 -6.71
CA ILE A 187 10.93 0.82 -8.17
C ILE A 187 10.79 2.24 -8.71
N ASP A 188 11.65 2.61 -9.66
CA ASP A 188 11.56 3.95 -10.25
C ASP A 188 10.36 3.99 -11.19
N ALA A 189 9.25 4.59 -10.74
CA ALA A 189 8.07 4.65 -11.59
C ALA A 189 7.87 6.01 -12.21
N THR A 190 8.95 6.75 -12.43
CA THR A 190 8.89 8.06 -13.11
C THR A 190 9.46 7.86 -14.50
N GLN A 191 9.77 6.60 -14.80
CA GLN A 191 10.32 6.17 -16.08
C GLN A 191 9.15 5.75 -16.97
N PRO A 192 9.36 5.69 -18.31
CA PRO A 192 8.27 5.27 -19.21
C PRO A 192 7.73 3.91 -18.80
N LEU A 193 6.46 3.65 -19.10
CA LEU A 193 5.80 2.43 -18.71
C LEU A 193 6.52 1.13 -18.95
N GLU A 194 7.08 1.00 -20.13
CA GLU A 194 7.77 -0.22 -20.50
C GLU A 194 9.00 -0.47 -19.61
N ALA A 195 9.70 0.61 -19.24
CA ALA A 195 10.86 0.52 -18.39
C ALA A 195 10.39 0.10 -17.00
N VAL A 196 9.31 0.72 -16.52
CA VAL A 196 8.74 0.37 -15.21
C VAL A 196 8.33 -1.09 -15.17
N MET A 197 7.59 -1.53 -16.17
CA MET A 197 7.10 -2.91 -16.22
C MET A 197 8.24 -3.91 -16.21
N ASP A 198 9.36 -3.51 -16.81
CA ASP A 198 10.51 -4.38 -16.87
C ASP A 198 11.19 -4.52 -15.51
N ALA A 199 11.33 -3.39 -14.82
CA ALA A 199 11.93 -3.35 -13.49
C ALA A 199 11.15 -4.30 -12.58
N ILE A 200 9.82 -4.19 -12.62
CA ILE A 200 8.95 -5.02 -11.79
C ILE A 200 9.14 -6.49 -12.11
N ARG A 201 9.11 -6.80 -13.41
CA ARG A 201 9.28 -8.19 -13.85
C ARG A 201 10.59 -8.81 -13.38
N THR A 202 11.71 -8.08 -13.50
CA THR A 202 12.97 -8.68 -13.06
C THR A 202 13.04 -8.82 -11.54
N THR A 203 12.61 -7.78 -10.82
CA THR A 203 12.63 -7.81 -9.37
C THR A 203 11.86 -9.03 -8.88
N VAL A 204 10.65 -9.19 -9.43
CA VAL A 204 9.77 -10.30 -9.03
C VAL A 204 10.39 -11.65 -9.40
N THR A 205 10.84 -11.75 -10.64
CA THR A 205 11.45 -12.97 -11.12
C THR A 205 12.62 -13.38 -10.25
N HIS A 206 13.49 -12.43 -9.95
CA HIS A 206 14.64 -12.71 -9.11
C HIS A 206 14.23 -13.18 -7.71
N TRP A 207 13.35 -12.41 -7.05
CA TRP A 207 12.87 -12.74 -5.71
C TRP A 207 12.31 -14.16 -5.71
N VAL A 208 11.54 -14.52 -6.73
CA VAL A 208 10.97 -15.86 -6.81
C VAL A 208 12.08 -16.92 -7.02
N LYS A 209 13.05 -16.62 -7.89
CA LYS A 209 14.14 -17.56 -8.14
C LYS A 209 14.91 -17.82 -6.86
N GLU A 210 15.08 -16.77 -6.08
CA GLU A 210 15.78 -16.89 -4.82
C GLU A 210 14.89 -17.54 -3.76
N LEU A 211 13.62 -17.73 -4.06
CA LEU A 211 12.75 -18.36 -3.07
C LEU A 211 13.31 -19.75 -2.85
#